data_4W4J
#
_entry.id   4W4J
#
_cell.length_a   95.210
_cell.length_b   95.210
_cell.length_c   171.540
_cell.angle_alpha   90.00
_cell.angle_beta   90.00
_cell.angle_gamma   120.00
#
_symmetry.space_group_name_H-M   'P 32 2 1'
#
loop_
_entity.id
_entity.type
_entity.pdbx_description
1 polymer EspG3
2 non-polymer 'SULFATE ION'
#
_entity_poly.entity_id   1
_entity_poly.type   'polypeptide(L)'
_entity_poly.pdbx_seq_one_letter_code
;(MSE)HHHHHHENLYFQGSH(MSE)GPNAVELTTDQAWCLADVLGAGSYPWVLAITPPYSDHSQRSAFLAAQSAELTR
(MSE)GVVNSAGAVDPRVAQWITTVCRATQWLDLRFVSGPGDLLRG(MSE)VARRSEETVVALRNAQLVTFTA(MSE)DI
GHQHALVPVLTAGLSGRKPARFDDFALPAAAGARADEQIRNGAPLAEVLEFLGVPPSARPLVESVFDGRRTYVEIVAGEH
RDGHRVTTEVGVSIIDTPHGRILVHPTKAFDGEWISTFTPGSADAIA(MSE)AVERLTASLPSGSWFPDQPLTRDFDEDA
ATHREPVLQRRTQKA
;
_entity_poly.pdbx_strand_id   A,B
#
loop_
_chem_comp.id
_chem_comp.type
_chem_comp.name
_chem_comp.formula
SO4 non-polymer 'SULFATE ION' 'O4 S -2'
#
# COMPACT_ATOMS: atom_id res chain seq x y z
N HIS A 16 -27.63 -4.39 17.92
N HIS A 16 -28.39 -3.06 17.65
CA HIS A 16 -28.80 -4.04 18.73
CA HIS A 16 -29.46 -3.60 18.50
C HIS A 16 -29.33 -2.68 18.33
C HIS A 16 -30.63 -2.63 18.60
N MSE A 17 -30.65 -2.55 18.23
N MSE A 17 -30.82 -1.82 17.56
CA MSE A 17 -31.25 -1.26 17.90
CA MSE A 17 -31.80 -0.73 17.54
C MSE A 17 -31.06 -0.32 19.08
C MSE A 17 -31.60 0.18 18.75
O MSE A 17 -31.47 -0.62 20.20
O MSE A 17 -32.47 0.30 19.62
CB MSE A 17 -32.74 -1.40 17.57
CB MSE A 17 -33.23 -1.27 17.51
CG MSE A 17 -33.03 -1.88 16.15
CG MSE A 17 -34.32 -0.23 17.18
SE MSE A 17 -32.48 -3.72 15.90
SE MSE A 17 -33.91 0.88 15.63
CE MSE A 17 -33.40 -4.51 17.45
CE MSE A 17 -35.65 1.69 15.30
N GLY A 18 -30.44 0.81 18.82
CA GLY A 18 -30.12 1.76 19.88
C GLY A 18 -28.85 2.54 19.59
N PRO A 19 -28.44 3.39 20.54
CA PRO A 19 -27.20 4.14 20.51
C PRO A 19 -26.01 3.20 20.42
N ASN A 20 -25.00 3.55 19.65
CA ASN A 20 -23.85 2.65 19.50
C ASN A 20 -22.63 2.97 20.41
N ALA A 21 -22.79 3.93 21.31
CA ALA A 21 -21.66 4.43 22.10
C ALA A 21 -22.01 4.70 23.57
N VAL A 22 -20.98 4.74 24.40
CA VAL A 22 -21.14 5.23 25.75
C VAL A 22 -20.09 6.32 25.88
N GLU A 23 -20.55 7.49 26.33
CA GLU A 23 -19.68 8.63 26.59
C GLU A 23 -19.62 8.91 28.06
N LEU A 24 -18.43 9.00 28.62
CA LEU A 24 -18.32 9.31 30.03
C LEU A 24 -17.00 9.90 30.44
N THR A 25 -16.97 10.57 31.58
CA THR A 25 -15.74 11.07 32.20
C THR A 25 -14.76 9.92 32.58
N THR A 26 -13.46 10.21 32.60
CA THR A 26 -12.45 9.23 33.04
C THR A 26 -12.83 8.60 34.39
N ASP A 27 -13.32 9.40 35.33
CA ASP A 27 -13.71 8.87 36.64
C ASP A 27 -14.86 7.85 36.53
N GLN A 28 -15.91 8.20 35.80
CA GLN A 28 -17.02 7.28 35.58
C GLN A 28 -16.51 5.99 34.93
N ALA A 29 -15.59 6.13 33.98
CA ALA A 29 -15.04 4.97 33.30
C ALA A 29 -14.37 4.04 34.28
N TRP A 30 -13.51 4.64 35.08
CA TRP A 30 -12.74 3.91 36.05
C TRP A 30 -13.65 3.19 37.04
N CYS A 31 -14.60 3.92 37.61
CA CYS A 31 -15.60 3.31 38.48
C CYS A 31 -16.27 2.10 37.76
N LEU A 32 -16.68 2.26 36.48
CA LEU A 32 -17.25 1.11 35.78
C LEU A 32 -16.29 -0.09 35.64
N ALA A 33 -15.03 0.17 35.36
CA ALA A 33 -14.11 -0.93 35.21
C ALA A 33 -13.97 -1.66 36.54
N ASP A 34 -13.96 -0.86 37.61
CA ASP A 34 -13.69 -1.35 38.95
C ASP A 34 -14.85 -2.24 39.39
N VAL A 35 -16.05 -1.76 39.13
CA VAL A 35 -17.29 -2.48 39.45
C VAL A 35 -17.47 -3.75 38.61
N LEU A 36 -17.11 -3.69 37.32
CA LEU A 36 -17.14 -4.90 36.48
C LEU A 36 -16.10 -5.94 36.87
N GLY A 37 -15.00 -5.52 37.52
CA GLY A 37 -13.89 -6.41 37.77
C GLY A 37 -13.28 -6.68 36.41
N ALA A 38 -13.31 -5.67 35.56
CA ALA A 38 -12.84 -5.79 34.20
C ALA A 38 -11.32 -5.82 34.14
N GLY A 39 -10.70 -5.22 35.14
CA GLY A 39 -9.26 -5.13 35.23
C GLY A 39 -8.84 -3.69 35.00
N SER A 40 -7.54 -3.45 34.97
CA SER A 40 -7.07 -2.10 34.73
C SER A 40 -7.26 -1.73 33.26
N TYR A 41 -7.49 -0.45 32.96
CA TYR A 41 -7.54 0.02 31.54
C TYR A 41 -6.18 -0.09 30.90
N PRO A 42 -6.16 -0.15 29.57
CA PRO A 42 -4.83 -0.23 28.96
C PRO A 42 -4.06 1.06 29.18
N TRP A 43 -2.74 0.94 29.32
N TRP A 43 -2.75 0.96 29.39
CA TRP A 43 -1.90 2.07 29.65
CA TRP A 43 -1.92 2.13 29.72
C TRP A 43 -2.10 3.27 28.73
C TRP A 43 -2.08 3.30 28.73
N VAL A 44 -2.28 2.99 27.44
CA VAL A 44 -2.44 4.03 26.43
C VAL A 44 -3.63 4.99 26.73
N LEU A 45 -4.71 4.48 27.30
CA LEU A 45 -5.89 5.30 27.61
C LEU A 45 -5.59 6.16 28.79
N ALA A 46 -4.59 5.78 29.55
CA ALA A 46 -4.18 6.56 30.72
C ALA A 46 -5.31 6.86 31.68
N ILE A 47 -6.20 5.92 31.97
CA ILE A 47 -7.18 6.13 33.03
C ILE A 47 -6.69 5.53 34.32
N THR A 48 -6.40 6.37 35.30
CA THR A 48 -5.83 5.84 36.54
C THR A 48 -6.70 6.14 37.76
N PRO A 49 -6.58 5.29 38.80
CA PRO A 49 -7.34 5.53 40.04
C PRO A 49 -7.10 6.92 40.61
N PRO A 50 -8.19 7.62 40.97
CA PRO A 50 -8.13 8.97 41.54
C PRO A 50 -7.47 9.04 42.93
N TYR A 51 -7.71 8.06 43.81
CA TYR A 51 -7.27 8.16 45.21
C TYR A 51 -6.61 6.87 45.72
N SER A 52 -5.65 7.04 46.63
CA SER A 52 -5.00 5.90 47.29
C SER A 52 -5.83 5.35 48.46
N ASP A 53 -6.49 6.24 49.20
CA ASP A 53 -7.19 5.87 50.45
C ASP A 53 -8.44 5.02 50.22
N HIS A 54 -8.75 4.15 51.19
CA HIS A 54 -9.85 3.19 51.08
C HIS A 54 -11.25 3.77 51.28
N SER A 55 -11.40 4.66 52.25
CA SER A 55 -12.68 5.30 52.53
C SER A 55 -13.07 6.30 51.45
N GLN A 56 -12.10 7.14 51.08
CA GLN A 56 -12.27 8.07 49.99
C GLN A 56 -12.66 7.31 48.72
N ARG A 57 -11.99 6.18 48.50
CA ARG A 57 -12.27 5.30 47.36
C ARG A 57 -13.69 4.76 47.38
N SER A 58 -14.10 4.17 48.50
CA SER A 58 -15.45 3.60 48.60
C SER A 58 -16.54 4.67 48.36
N ALA A 59 -16.34 5.84 48.95
CA ALA A 59 -17.23 6.99 48.74
C ALA A 59 -17.25 7.44 47.25
N PHE A 60 -16.07 7.56 46.68
CA PHE A 60 -15.92 7.87 45.28
C PHE A 60 -16.79 6.94 44.48
N LEU A 61 -16.64 5.65 44.72
CA LEU A 61 -17.43 4.65 44.02
C LEU A 61 -18.94 4.78 44.20
N ALA A 62 -19.40 5.01 45.43
CA ALA A 62 -20.84 5.14 45.66
C ALA A 62 -21.40 6.31 44.87
N ALA A 63 -20.71 7.45 44.98
CA ALA A 63 -21.07 8.68 44.28
C ALA A 63 -21.16 8.51 42.76
N GLN A 64 -20.07 7.98 42.24
CA GLN A 64 -19.90 7.78 40.81
C GLN A 64 -20.97 6.89 40.29
N SER A 65 -21.22 5.82 41.04
CA SER A 65 -22.20 4.84 40.67
C SER A 65 -23.58 5.45 40.68
N ALA A 66 -23.83 6.32 41.65
CA ALA A 66 -25.10 7.02 41.74
C ALA A 66 -25.30 7.80 40.45
N GLU A 67 -24.31 8.61 40.12
CA GLU A 67 -24.40 9.41 38.92
C GLU A 67 -24.62 8.52 37.65
N LEU A 68 -24.00 7.36 37.60
CA LEU A 68 -24.19 6.50 36.45
C LEU A 68 -25.62 5.96 36.41
N THR A 69 -26.16 5.65 37.59
CA THR A 69 -27.51 5.12 37.69
C THR A 69 -28.48 6.17 37.17
N ARG A 70 -28.17 7.40 37.52
CA ARG A 70 -28.93 8.54 37.04
C ARG A 70 -28.78 8.62 35.51
N MSE A 71 -27.62 8.22 34.98
CA MSE A 71 -27.35 8.32 33.54
C MSE A 71 -27.92 7.17 32.73
O MSE A 71 -27.80 7.15 31.50
CB MSE A 71 -25.84 8.40 33.29
CG MSE A 71 -25.19 9.69 33.72
SE MSE A 71 -23.24 9.55 33.62
CE MSE A 71 -22.88 11.37 33.00
N GLY A 72 -28.50 6.18 33.40
CA GLY A 72 -29.10 5.07 32.71
C GLY A 72 -28.09 4.05 32.23
N VAL A 73 -26.82 4.25 32.57
CA VAL A 73 -25.76 3.31 32.21
C VAL A 73 -25.84 2.10 33.11
N VAL A 74 -26.22 2.34 34.36
CA VAL A 74 -26.41 1.28 35.33
C VAL A 74 -27.83 1.34 35.89
N ASN A 75 -28.48 0.18 35.95
CA ASN A 75 -29.86 0.13 36.45
C ASN A 75 -29.95 0.33 37.97
N SER A 76 -31.13 0.66 38.45
CA SER A 76 -31.35 0.98 39.86
C SER A 76 -30.77 -0.04 40.82
N ALA A 77 -30.78 -1.32 40.41
CA ALA A 77 -30.25 -2.41 41.22
C ALA A 77 -28.72 -2.40 41.32
N GLY A 78 -28.06 -1.71 40.39
CA GLY A 78 -26.61 -1.61 40.34
C GLY A 78 -25.90 -2.41 39.25
N ALA A 79 -26.68 -3.02 38.36
CA ALA A 79 -26.12 -3.85 37.30
C ALA A 79 -25.89 -3.07 36.00
N VAL A 80 -24.65 -3.14 35.51
CA VAL A 80 -24.18 -2.37 34.36
C VAL A 80 -24.88 -2.83 33.09
N ASP A 81 -25.22 -1.90 32.22
CA ASP A 81 -25.76 -2.30 30.93
C ASP A 81 -24.81 -3.27 30.23
N PRO A 82 -25.33 -4.45 29.84
CA PRO A 82 -24.50 -5.50 29.25
C PRO A 82 -23.73 -5.07 27.99
N ARG A 83 -24.26 -4.16 27.16
CA ARG A 83 -23.42 -3.70 26.05
C ARG A 83 -22.24 -2.89 26.58
N VAL A 84 -22.49 -1.94 27.47
CA VAL A 84 -21.39 -1.20 28.09
C VAL A 84 -20.35 -2.14 28.72
N ALA A 85 -20.84 -3.13 29.46
CA ALA A 85 -19.95 -4.08 30.11
C ALA A 85 -19.09 -4.81 29.07
N GLN A 86 -19.70 -5.19 27.96
CA GLN A 86 -18.96 -5.89 26.94
C GLN A 86 -17.91 -5.02 26.25
N TRP A 87 -18.24 -3.76 25.97
CA TRP A 87 -17.29 -2.82 25.37
C TRP A 87 -16.09 -2.60 26.28
N ILE A 88 -16.38 -2.37 27.55
CA ILE A 88 -15.34 -2.12 28.54
C ILE A 88 -14.45 -3.34 28.74
N THR A 89 -15.07 -4.51 28.84
CA THR A 89 -14.31 -5.72 28.98
C THR A 89 -13.42 -5.93 27.77
N THR A 90 -13.96 -5.64 26.59
CA THR A 90 -13.18 -5.80 25.37
C THR A 90 -11.96 -4.91 25.38
N VAL A 91 -12.11 -3.65 25.79
CA VAL A 91 -10.94 -2.78 25.92
C VAL A 91 -9.91 -3.30 26.97
N CYS A 92 -10.38 -3.70 28.15
CA CYS A 92 -9.46 -4.03 29.23
C CYS A 92 -8.80 -5.39 29.12
N ARG A 93 -9.56 -6.34 28.60
N ARG A 93 -9.56 -6.33 28.58
CA ARG A 93 -9.09 -7.71 28.39
CA ARG A 93 -9.12 -7.70 28.40
C ARG A 93 -8.68 -8.03 26.93
C ARG A 93 -8.72 -8.03 26.94
N ALA A 94 -8.56 -6.99 26.11
CA ALA A 94 -8.26 -7.17 24.67
C ALA A 94 -7.09 -8.09 24.31
N THR A 95 -7.35 -9.04 23.40
CA THR A 95 -6.33 -9.93 22.77
C THR A 95 -5.64 -9.34 21.55
N GLN A 96 -6.29 -8.45 20.82
CA GLN A 96 -5.54 -7.74 19.79
C GLN A 96 -5.90 -6.28 19.82
N TRP A 97 -4.97 -5.40 19.47
CA TRP A 97 -5.23 -3.98 19.56
C TRP A 97 -4.36 -3.05 18.70
N LEU A 98 -4.85 -1.83 18.51
CA LEU A 98 -4.01 -0.74 18.04
C LEU A 98 -3.98 0.36 19.12
N ASP A 99 -2.78 0.88 19.40
CA ASP A 99 -2.57 2.02 20.29
C ASP A 99 -2.34 3.29 19.50
N LEU A 100 -3.08 4.34 19.88
CA LEU A 100 -3.04 5.60 19.17
C LEU A 100 -2.66 6.78 20.07
N ARG A 101 -1.52 7.41 19.83
CA ARG A 101 -1.23 8.65 20.52
C ARG A 101 -1.23 9.82 19.50
N PHE A 102 -2.20 10.71 19.60
CA PHE A 102 -2.26 11.86 18.67
C PHE A 102 -1.62 13.01 19.37
N VAL A 103 -0.51 13.53 18.86
CA VAL A 103 0.09 14.72 19.42
C VAL A 103 -0.37 15.89 18.58
N SER A 104 -1.20 16.70 19.22
CA SER A 104 -1.81 17.83 18.56
C SER A 104 -1.06 19.06 19.01
N GLY A 105 -0.21 19.61 18.14
CA GLY A 105 0.53 20.79 18.53
C GLY A 105 1.27 20.51 19.82
N PRO A 106 1.53 21.58 20.60
CA PRO A 106 2.07 21.58 21.96
C PRO A 106 1.05 21.22 23.03
N GLY A 107 1.46 20.45 24.03
CA GLY A 107 0.70 20.23 25.25
C GLY A 107 -0.57 19.40 25.31
N ASP A 108 -1.16 19.05 24.17
CA ASP A 108 -2.41 18.29 24.25
C ASP A 108 -2.55 17.15 23.24
N LEU A 109 -3.01 16.04 23.77
CA LEU A 109 -3.03 14.85 23.03
C LEU A 109 -4.27 14.01 23.20
N LEU A 110 -4.61 13.33 22.12
CA LEU A 110 -5.78 12.49 22.08
C LEU A 110 -5.30 11.05 22.16
N ARG A 111 -5.91 10.25 23.01
CA ARG A 111 -5.43 8.91 23.29
C ARG A 111 -6.45 7.89 22.80
N GLY A 112 -6.02 6.87 22.06
CA GLY A 112 -7.01 5.96 21.52
C GLY A 112 -6.60 4.51 21.48
N MSE A 113 -7.59 3.66 21.34
CA MSE A 113 -7.40 2.24 21.21
C MSE A 113 -8.42 1.64 20.30
O MSE A 113 -9.60 1.97 20.38
CB MSE A 113 -7.48 1.56 22.56
CG MSE A 113 -6.42 0.49 22.71
SE MSE A 113 -6.99 -0.75 24.04
CE MSE A 113 -5.38 -1.78 24.07
N VAL A 114 -7.97 0.71 19.44
CA VAL A 114 -8.90 -0.22 18.82
C VAL A 114 -8.66 -1.58 19.44
N ALA A 115 -9.62 -2.06 20.22
CA ALA A 115 -9.48 -3.33 20.93
C ALA A 115 -10.33 -4.42 20.25
N ARG A 116 -9.84 -5.63 20.29
CA ARG A 116 -10.53 -6.76 19.73
C ARG A 116 -10.42 -7.93 20.72
N ARG A 117 -11.56 -8.47 21.09
CA ARG A 117 -11.61 -9.69 21.89
C ARG A 117 -12.75 -10.50 21.34
N SER A 118 -12.51 -11.79 21.08
CA SER A 118 -13.56 -12.70 20.65
C SER A 118 -14.45 -12.17 19.54
N GLU A 119 -13.85 -11.68 18.45
CA GLU A 119 -14.61 -11.19 17.29
C GLU A 119 -15.28 -9.81 17.49
N GLU A 120 -15.29 -9.30 18.71
CA GLU A 120 -15.87 -7.99 18.95
C GLU A 120 -14.79 -6.91 18.95
N THR A 121 -15.08 -5.82 18.26
CA THR A 121 -14.14 -4.71 18.11
C THR A 121 -14.64 -3.37 18.67
N VAL A 122 -13.93 -2.85 19.65
CA VAL A 122 -14.32 -1.64 20.34
C VAL A 122 -13.33 -0.51 20.15
N VAL A 123 -13.81 0.68 19.82
CA VAL A 123 -12.93 1.84 19.79
C VAL A 123 -13.05 2.64 21.09
N ALA A 124 -11.91 2.97 21.68
CA ALA A 124 -11.90 3.88 22.83
C ALA A 124 -11.11 5.16 22.47
N LEU A 125 -11.74 6.32 22.60
CA LEU A 125 -10.99 7.56 22.42
C LEU A 125 -11.06 8.35 23.73
N ARG A 126 -9.97 8.99 24.18
CA ARG A 126 -10.09 9.84 25.35
C ARG A 126 -9.32 11.13 25.18
N ASN A 127 -9.97 12.21 25.58
CA ASN A 127 -9.33 13.49 25.60
C ASN A 127 -9.49 14.19 26.95
N ALA A 128 -8.38 14.47 27.61
CA ALA A 128 -8.48 15.25 28.84
C ALA A 128 -9.50 14.57 29.76
N GLN A 129 -10.62 15.23 29.96
CA GLN A 129 -11.69 14.75 30.82
C GLN A 129 -12.61 13.62 30.32
N LEU A 130 -12.72 13.42 29.02
CA LEU A 130 -13.78 12.50 28.54
C LEU A 130 -13.25 11.29 27.78
N VAL A 131 -13.97 10.18 27.85
CA VAL A 131 -13.61 8.99 27.10
C VAL A 131 -14.87 8.44 26.43
N THR A 132 -14.71 7.96 25.21
CA THR A 132 -15.78 7.34 24.44
C THR A 132 -15.48 5.91 24.09
N PHE A 133 -16.40 5.03 24.43
CA PHE A 133 -16.31 3.65 23.98
C PHE A 133 -17.41 3.41 22.99
N THR A 134 -17.08 2.92 21.80
CA THR A 134 -18.11 2.63 20.79
C THR A 134 -17.79 1.35 20.03
N ALA A 135 -18.79 0.52 19.77
CA ALA A 135 -18.52 -0.66 18.95
C ALA A 135 -18.48 -0.26 17.48
N MSE A 136 -17.75 -1.04 16.68
CA MSE A 136 -17.61 -0.74 15.28
C MSE A 136 -17.39 -2.01 14.44
O MSE A 136 -16.81 -2.98 14.93
CB MSE A 136 -16.46 0.26 15.08
CG MSE A 136 -15.08 -0.30 15.34
SE MSE A 136 -13.76 0.49 14.10
CE MSE A 136 -14.34 -0.39 12.47
N ASP A 137 -17.84 -2.01 13.18
CA ASP A 137 -17.66 -3.20 12.34
C ASP A 137 -16.52 -3.00 11.35
N ILE A 138 -15.48 -3.82 11.51
CA ILE A 138 -14.30 -3.70 10.68
C ILE A 138 -14.55 -4.33 9.31
N GLY A 139 -15.68 -5.01 9.18
CA GLY A 139 -16.10 -5.55 7.90
C GLY A 139 -16.25 -4.45 6.85
N HIS A 140 -16.69 -3.28 7.30
CA HIS A 140 -16.80 -2.14 6.42
C HIS A 140 -15.40 -1.70 5.96
N GLN A 141 -15.26 -1.47 4.66
CA GLN A 141 -13.97 -1.12 4.05
C GLN A 141 -13.45 0.28 4.46
N HIS A 142 -12.17 0.33 4.86
CA HIS A 142 -11.52 1.52 5.41
C HIS A 142 -12.18 2.05 6.68
N ALA A 143 -12.91 1.20 7.38
CA ALA A 143 -13.70 1.68 8.52
C ALA A 143 -12.82 2.31 9.63
N LEU A 144 -11.57 1.85 9.74
CA LEU A 144 -10.65 2.38 10.74
C LEU A 144 -10.03 3.72 10.36
N VAL A 145 -10.08 4.10 9.08
CA VAL A 145 -9.33 5.29 8.69
C VAL A 145 -9.80 6.56 9.38
N PRO A 146 -11.14 6.80 9.48
CA PRO A 146 -11.54 7.99 10.24
C PRO A 146 -11.14 7.96 11.72
N VAL A 147 -11.16 6.80 12.38
CA VAL A 147 -10.61 6.71 13.74
C VAL A 147 -9.11 7.06 13.78
N LEU A 148 -8.32 6.44 12.89
CA LEU A 148 -6.87 6.64 12.89
C LEU A 148 -6.48 8.09 12.62
N THR A 149 -7.33 8.81 11.91
CA THR A 149 -7.03 10.21 11.69
C THR A 149 -7.81 11.16 12.63
N ALA A 150 -8.61 10.61 13.54
CA ALA A 150 -9.57 11.44 14.32
C ALA A 150 -8.96 12.67 14.99
N GLY A 151 -7.74 12.53 15.48
CA GLY A 151 -7.05 13.59 16.18
C GLY A 151 -6.11 14.47 15.36
N LEU A 152 -6.19 14.40 14.03
CA LEU A 152 -5.32 15.21 13.16
C LEU A 152 -6.07 16.39 12.61
N SER A 153 -5.41 17.14 11.73
CA SER A 153 -5.93 18.39 11.13
C SER A 153 -6.80 18.27 9.88
N GLY A 154 -7.16 17.07 9.43
CA GLY A 154 -8.00 17.01 8.24
C GLY A 154 -7.29 17.37 6.93
N ARG A 155 -5.97 17.27 6.88
CA ARG A 155 -5.24 17.60 5.65
C ARG A 155 -5.32 16.52 4.56
N LYS A 156 -5.33 16.96 3.30
CA LYS A 156 -5.33 16.05 2.15
C LYS A 156 -3.93 15.47 1.93
N PRO A 157 -3.86 14.32 1.25
CA PRO A 157 -2.53 13.72 1.12
C PRO A 157 -1.63 14.61 0.30
N ALA A 158 -0.38 14.72 0.72
CA ALA A 158 0.64 15.50 0.06
C ALA A 158 0.96 14.88 -1.31
N ARG A 159 1.58 15.65 -2.22
CA ARG A 159 2.00 15.09 -3.51
C ARG A 159 3.53 15.03 -3.63
N PHE A 160 4.09 13.83 -3.54
CA PHE A 160 5.52 13.64 -3.75
C PHE A 160 5.87 12.17 -4.05
N ASP A 161 7.06 11.94 -4.61
CA ASP A 161 7.58 10.57 -4.70
C ASP A 161 8.19 10.08 -3.37
N ASP A 162 8.06 8.78 -3.10
CA ASP A 162 8.48 8.23 -1.81
C ASP A 162 9.94 8.54 -1.50
N PHE A 163 10.24 8.80 -0.24
CA PHE A 163 11.64 8.88 0.13
C PHE A 163 11.89 8.13 1.43
N ALA A 164 13.17 7.91 1.76
CA ALA A 164 13.51 7.09 2.93
C ALA A 164 14.62 7.71 3.77
N LEU A 165 14.60 7.41 5.05
CA LEU A 165 15.66 7.87 5.94
C LEU A 165 15.89 6.72 6.86
N PRO A 166 17.13 6.53 7.34
CA PRO A 166 17.29 5.53 8.41
C PRO A 166 16.57 6.02 9.64
N ALA A 167 15.80 5.14 10.25
CA ALA A 167 14.87 5.55 11.29
C ALA A 167 15.59 6.29 12.40
N ALA A 168 16.68 5.67 12.85
CA ALA A 168 17.53 6.25 13.87
C ALA A 168 17.95 7.70 13.53
N ALA A 169 18.42 7.93 12.31
CA ALA A 169 18.82 9.27 11.86
C ALA A 169 17.66 10.25 11.94
N GLY A 170 16.48 9.77 11.57
CA GLY A 170 15.30 10.59 11.62
C GLY A 170 15.07 11.05 13.04
N ALA A 171 15.05 10.09 13.97
CA ALA A 171 14.90 10.42 15.39
C ALA A 171 15.97 11.41 15.93
N ARG A 172 17.24 11.18 15.58
CA ARG A 172 18.32 12.09 15.99
C ARG A 172 18.04 13.50 15.48
N ALA A 173 17.52 13.57 14.26
CA ALA A 173 17.19 14.85 13.65
C ALA A 173 16.08 15.56 14.42
N ASP A 174 15.00 14.83 14.71
CA ASP A 174 13.91 15.41 15.49
C ASP A 174 14.40 15.92 16.85
N GLU A 175 15.18 15.10 17.55
CA GLU A 175 15.78 15.50 18.83
C GLU A 175 16.58 16.80 18.68
N GLN A 176 17.39 16.89 17.61
CA GLN A 176 18.24 18.07 17.41
C GLN A 176 17.42 19.31 17.09
N ILE A 177 16.28 19.10 16.45
CA ILE A 177 15.45 20.22 16.05
C ILE A 177 14.66 20.73 17.25
N ARG A 178 14.24 19.83 18.15
CA ARG A 178 13.60 20.26 19.41
C ARG A 178 14.58 20.98 20.34
N ASN A 179 15.87 20.70 20.18
CA ASN A 179 16.87 21.38 20.97
C ASN A 179 17.26 22.70 20.31
N GLY A 180 16.57 23.01 19.22
CA GLY A 180 16.76 24.27 18.55
C GLY A 180 18.08 24.44 17.83
N ALA A 181 18.37 23.55 16.90
CA ALA A 181 19.56 23.65 16.08
C ALA A 181 19.11 23.96 14.65
N PRO A 182 19.94 24.68 13.87
CA PRO A 182 19.55 25.20 12.55
C PRO A 182 19.12 24.10 11.57
N LEU A 183 18.01 24.32 10.85
CA LEU A 183 17.47 23.29 9.94
C LEU A 183 18.44 22.84 8.86
N ALA A 184 19.13 23.79 8.23
CA ALA A 184 19.97 23.46 7.09
C ALA A 184 21.07 22.49 7.48
N GLU A 185 21.60 22.65 8.68
CA GLU A 185 22.65 21.74 9.15
C GLU A 185 22.11 20.35 9.51
N VAL A 186 20.87 20.28 10.00
CA VAL A 186 20.26 18.98 10.28
C VAL A 186 19.93 18.24 8.98
N LEU A 187 19.48 19.00 7.98
CA LEU A 187 19.14 18.44 6.68
C LEU A 187 20.42 18.06 5.92
N GLU A 188 21.52 18.75 6.23
CA GLU A 188 22.81 18.31 5.72
C GLU A 188 23.15 16.98 6.39
N PHE A 189 23.00 16.95 7.72
CA PHE A 189 23.25 15.75 8.51
C PHE A 189 22.50 14.52 7.98
N LEU A 190 21.23 14.71 7.61
CA LEU A 190 20.42 13.61 7.07
C LEU A 190 20.85 13.25 5.66
N GLY A 191 21.55 14.17 5.00
CA GLY A 191 21.97 13.96 3.63
C GLY A 191 20.88 14.33 2.66
N VAL A 192 20.05 15.27 3.07
CA VAL A 192 18.97 15.73 2.21
C VAL A 192 19.48 16.78 1.22
N PRO A 193 19.35 16.49 -0.09
CA PRO A 193 19.66 17.47 -1.14
C PRO A 193 18.82 18.71 -1.01
N PRO A 194 19.34 19.86 -1.46
CA PRO A 194 18.63 21.14 -1.27
C PRO A 194 17.27 21.12 -1.98
N SER A 195 17.17 20.34 -3.05
CA SER A 195 15.90 20.19 -3.77
C SER A 195 14.76 19.56 -2.94
N ALA A 196 15.08 18.59 -2.08
CA ALA A 196 14.06 17.88 -1.28
C ALA A 196 13.72 18.64 0.02
N ARG A 197 14.57 19.61 0.37
CA ARG A 197 14.52 20.26 1.67
C ARG A 197 13.17 20.88 2.04
N PRO A 198 12.48 21.57 1.10
CA PRO A 198 11.19 22.13 1.51
C PRO A 198 10.16 21.08 1.92
N LEU A 199 10.19 19.94 1.22
CA LEU A 199 9.30 18.85 1.58
C LEU A 199 9.71 18.17 2.88
N VAL A 200 10.97 17.78 2.98
CA VAL A 200 11.48 17.08 4.15
C VAL A 200 11.31 17.89 5.41
N GLU A 201 11.55 19.20 5.31
CA GLU A 201 11.33 20.12 6.40
C GLU A 201 9.94 19.95 6.99
N SER A 202 8.96 19.77 6.11
CA SER A 202 7.57 19.78 6.54
C SER A 202 7.33 18.65 7.54
N VAL A 203 8.00 17.53 7.33
CA VAL A 203 7.92 16.43 8.26
C VAL A 203 8.40 16.86 9.65
N PHE A 204 9.36 17.77 9.68
CA PHE A 204 9.83 18.35 10.93
C PHE A 204 9.13 19.70 11.25
N ASP A 205 8.16 20.10 10.44
CA ASP A 205 7.58 21.44 10.54
C ASP A 205 7.07 21.74 11.94
N GLY A 206 7.25 22.99 12.35
CA GLY A 206 6.91 23.42 13.70
C GLY A 206 5.45 23.23 14.07
N ARG A 207 4.55 23.65 13.17
CA ARG A 207 3.14 23.40 13.40
C ARG A 207 2.79 22.13 12.67
N ARG A 208 2.63 21.05 13.40
CA ARG A 208 2.34 19.76 12.75
C ARG A 208 1.59 18.89 13.72
N THR A 209 0.69 18.09 13.16
CA THR A 209 -0.07 17.21 14.01
C THR A 209 0.34 15.79 13.63
N TYR A 210 0.58 14.93 14.60
CA TYR A 210 0.87 13.56 14.19
C TYR A 210 0.20 12.54 15.07
N VAL A 211 0.16 11.30 14.59
CA VAL A 211 -0.33 10.20 15.38
C VAL A 211 0.62 9.04 15.25
N GLU A 212 0.96 8.46 16.39
CA GLU A 212 1.74 7.26 16.49
C GLU A 212 0.81 6.09 16.70
N ILE A 213 0.97 5.09 15.83
CA ILE A 213 0.16 3.88 15.82
C ILE A 213 1.03 2.65 16.09
N VAL A 214 0.61 1.82 17.03
CA VAL A 214 1.33 0.59 17.37
C VAL A 214 0.38 -0.63 17.44
N ALA A 215 0.77 -1.78 16.92
CA ALA A 215 -0.13 -2.95 17.01
C ALA A 215 0.36 -3.90 18.06
N GLY A 216 -0.57 -4.59 18.71
CA GLY A 216 -0.20 -5.50 19.78
C GLY A 216 -1.17 -6.64 19.95
N GLU A 217 -0.69 -7.74 20.51
CA GLU A 217 -1.56 -8.86 20.81
C GLU A 217 -1.05 -9.59 22.04
N HIS A 218 -1.86 -10.47 22.63
CA HIS A 218 -1.27 -11.34 23.64
C HIS A 218 -1.72 -12.76 23.52
N ARG A 219 -0.73 -13.64 23.55
CA ARG A 219 -0.95 -15.04 23.34
C ARG A 219 0.16 -15.80 24.05
N ASP A 220 -0.16 -16.97 24.59
CA ASP A 220 0.86 -17.88 25.09
C ASP A 220 1.76 -17.28 26.18
N GLY A 221 1.17 -16.47 27.04
CA GLY A 221 1.90 -15.85 28.12
C GLY A 221 2.66 -14.61 27.69
N HIS A 222 2.58 -14.26 26.42
CA HIS A 222 3.26 -13.05 25.95
C HIS A 222 2.39 -11.88 25.52
N ARG A 223 2.75 -10.69 26.00
N ARG A 223 2.76 -10.68 25.98
CA ARG A 223 2.28 -9.47 25.36
CA ARG A 223 2.29 -9.46 25.37
C ARG A 223 3.31 -9.21 24.25
C ARG A 223 3.29 -9.07 24.27
N VAL A 224 2.84 -9.06 23.02
CA VAL A 224 3.72 -8.78 21.88
C VAL A 224 3.30 -7.53 21.14
N THR A 225 4.19 -6.55 21.06
CA THR A 225 3.89 -5.35 20.27
C THR A 225 4.98 -5.03 19.24
N THR A 226 4.61 -4.23 18.26
CA THR A 226 5.55 -3.82 17.25
C THR A 226 6.58 -2.86 17.83
N GLU A 227 7.86 -3.25 17.73
CA GLU A 227 8.95 -2.42 18.24
C GLU A 227 8.94 -1.02 17.59
N VAL A 228 8.64 -0.98 16.30
CA VAL A 228 8.52 0.25 15.53
C VAL A 228 7.10 0.35 15.06
N GLY A 229 6.54 1.55 15.04
CA GLY A 229 5.14 1.71 14.71
C GLY A 229 5.01 2.35 13.36
N VAL A 230 3.87 3.01 13.16
CA VAL A 230 3.56 3.74 11.94
C VAL A 230 3.16 5.15 12.38
N SER A 231 3.48 6.17 11.58
CA SER A 231 3.06 7.52 11.88
C SER A 231 2.21 8.14 10.79
N ILE A 232 1.25 8.97 11.18
CA ILE A 232 0.57 9.82 10.19
C ILE A 232 0.82 11.27 10.57
N ILE A 233 1.22 12.10 9.62
CA ILE A 233 1.61 13.47 9.94
C ILE A 233 0.95 14.53 9.08
N ASP A 234 0.10 15.37 9.66
CA ASP A 234 -0.45 16.53 8.95
C ASP A 234 0.50 17.69 9.03
N THR A 235 0.90 18.16 7.83
CA THR A 235 1.86 19.27 7.64
C THR A 235 1.21 20.29 6.75
N PRO A 236 1.76 21.52 6.73
CA PRO A 236 1.19 22.53 5.82
C PRO A 236 1.20 22.03 4.37
N HIS A 237 2.20 21.23 4.01
CA HIS A 237 2.30 20.69 2.66
C HIS A 237 1.38 19.46 2.43
N GLY A 238 0.91 18.84 3.49
CA GLY A 238 -0.06 17.79 3.32
C GLY A 238 0.06 16.67 4.35
N ARG A 239 -0.74 15.65 4.11
CA ARG A 239 -0.79 14.49 4.95
C ARG A 239 0.27 13.47 4.52
N ILE A 240 1.07 13.00 5.47
CA ILE A 240 2.22 12.18 5.17
C ILE A 240 2.27 10.92 6.04
N LEU A 241 2.30 9.74 5.41
CA LEU A 241 2.45 8.45 6.11
C LEU A 241 3.90 8.01 6.19
N VAL A 242 4.32 7.64 7.40
CA VAL A 242 5.65 7.05 7.63
C VAL A 242 5.50 5.61 8.06
N HIS A 243 6.18 4.70 7.39
CA HIS A 243 6.10 3.29 7.80
C HIS A 243 7.47 2.59 7.73
N PRO A 244 7.72 1.62 8.65
CA PRO A 244 9.00 0.91 8.86
C PRO A 244 9.27 -0.27 7.95
N THR A 245 10.55 -0.52 7.65
CA THR A 245 11.01 -1.72 6.96
C THR A 245 12.34 -2.06 7.56
N LYS A 246 12.56 -3.33 7.97
CA LYS A 246 13.81 -3.67 8.62
C LYS A 246 14.85 -4.07 7.58
N ALA A 247 16.01 -3.41 7.59
CA ALA A 247 17.04 -3.74 6.60
C ALA A 247 17.80 -4.96 7.02
N PHE A 248 18.66 -5.47 6.17
CA PHE A 248 19.32 -6.74 6.51
C PHE A 248 20.49 -6.53 7.47
N ASP A 249 21.08 -5.35 7.43
CA ASP A 249 22.18 -4.99 8.31
C ASP A 249 21.66 -4.80 9.74
N GLY A 250 20.34 -4.83 9.90
CA GLY A 250 19.70 -4.69 11.19
C GLY A 250 19.12 -3.31 11.48
N GLU A 251 19.36 -2.36 10.59
CA GLU A 251 18.89 -0.99 10.78
C GLU A 251 17.47 -0.83 10.25
N TRP A 252 16.68 -0.07 10.98
CA TRP A 252 15.33 0.22 10.50
C TRP A 252 15.26 1.41 9.55
N ILE A 253 14.45 1.26 8.53
CA ILE A 253 14.22 2.33 7.58
C ILE A 253 12.83 2.90 7.72
N SER A 254 12.73 4.23 7.71
CA SER A 254 11.46 4.92 7.63
C SER A 254 11.20 5.39 6.20
N THR A 255 10.00 5.07 5.73
CA THR A 255 9.60 5.42 4.37
C THR A 255 8.45 6.40 4.43
N PHE A 256 8.62 7.50 3.71
CA PHE A 256 7.66 8.58 3.69
C PHE A 256 6.94 8.57 2.37
N THR A 257 5.61 8.51 2.48
CA THR A 257 4.71 8.44 1.33
C THR A 257 3.46 9.26 1.57
N PRO A 258 2.76 9.71 0.52
CA PRO A 258 1.49 10.41 0.74
C PRO A 258 0.48 9.61 1.55
N GLY A 259 -0.25 10.35 2.39
CA GLY A 259 -0.98 9.91 3.57
C GLY A 259 -2.39 9.46 3.25
N SER A 260 -2.59 8.92 2.05
CA SER A 260 -3.95 8.61 1.61
C SER A 260 -4.58 7.47 2.44
N ALA A 261 -5.83 7.16 2.18
CA ALA A 261 -6.53 6.19 3.01
C ALA A 261 -6.08 4.82 2.65
N ASP A 262 -5.87 4.55 1.35
CA ASP A 262 -5.32 3.27 0.92
C ASP A 262 -3.99 3.07 1.65
N ALA A 263 -3.14 4.11 1.62
CA ALA A 263 -1.80 4.05 2.21
C ALA A 263 -1.87 3.74 3.71
N ILE A 264 -2.73 4.45 4.41
CA ILE A 264 -2.91 4.22 5.83
C ILE A 264 -3.44 2.80 6.13
N ALA A 265 -4.52 2.42 5.46
CA ALA A 265 -5.09 1.09 5.64
C ALA A 265 -4.06 -0.02 5.44
N MSE A 266 -3.38 0.00 4.29
N MSE A 266 -3.38 0.01 4.30
CA MSE A 266 -2.34 -0.97 4.00
CA MSE A 266 -2.36 -0.97 3.98
C MSE A 266 -1.26 -0.95 5.09
C MSE A 266 -1.23 -0.94 5.03
O MSE A 266 -0.85 -1.99 5.61
O MSE A 266 -0.78 -2.00 5.50
CB MSE A 266 -1.72 -0.69 2.63
CB MSE A 266 -1.84 -0.71 2.56
CG MSE A 266 -1.90 -1.82 1.62
CG MSE A 266 -2.94 -0.73 1.46
SE MSE A 266 -0.89 -3.42 2.10
SE MSE A 266 -2.30 -0.50 -0.38
CE MSE A 266 -2.31 -4.77 2.20
CE MSE A 266 -0.91 -1.90 -0.28
N ALA A 267 -0.79 0.25 5.44
CA ALA A 267 0.33 0.33 6.37
C ALA A 267 -0.01 -0.34 7.71
N VAL A 268 -1.22 -0.04 8.21
CA VAL A 268 -1.64 -0.58 9.49
C VAL A 268 -1.90 -2.08 9.40
N GLU A 269 -2.45 -2.50 8.27
CA GLU A 269 -2.69 -3.92 8.09
C GLU A 269 -1.38 -4.70 8.15
N ARG A 270 -0.36 -4.21 7.42
CA ARG A 270 0.98 -4.79 7.44
C ARG A 270 1.55 -4.82 8.86
N LEU A 271 1.28 -3.72 9.57
CA LEU A 271 1.71 -3.61 10.95
C LEU A 271 1.20 -4.78 11.74
N THR A 272 -0.12 -5.00 11.75
CA THR A 272 -0.64 -6.13 12.54
C THR A 272 -0.16 -7.47 11.99
N ALA A 273 0.10 -7.54 10.68
CA ALA A 273 0.53 -8.80 10.06
C ALA A 273 1.88 -9.22 10.57
N SER A 274 2.72 -8.25 10.94
CA SER A 274 4.02 -8.58 11.50
C SER A 274 3.92 -9.31 12.86
N LEU A 275 2.74 -9.29 13.50
CA LEU A 275 2.52 -9.99 14.77
C LEU A 275 2.12 -11.47 14.58
N PRO A 276 2.49 -12.35 15.53
CA PRO A 276 2.29 -13.81 15.43
C PRO A 276 0.91 -14.28 14.95
N SER A 277 -0.15 -13.61 15.40
CA SER A 277 -1.52 -14.01 15.05
C SER A 277 -2.01 -13.36 13.77
N GLY A 278 -1.26 -12.39 13.25
CA GLY A 278 -1.58 -11.80 11.96
C GLY A 278 -2.66 -10.74 11.95
N SER A 279 -3.22 -10.54 10.76
CA SER A 279 -4.20 -9.47 10.53
C SER A 279 -5.53 -9.82 11.16
N TRP A 280 -6.46 -8.89 11.12
CA TRP A 280 -7.77 -9.13 11.72
C TRP A 280 -8.75 -9.59 10.65
N PHE A 281 -8.24 -9.71 9.42
CA PHE A 281 -9.03 -10.14 8.26
C PHE A 281 -9.08 -11.67 8.17
N PRO B 19 -16.78 -8.86 -29.77
CA PRO B 19 -17.44 -8.06 -28.73
C PRO B 19 -16.69 -6.77 -28.41
N ASN B 20 -16.19 -6.67 -27.19
CA ASN B 20 -15.41 -5.51 -26.75
C ASN B 20 -13.93 -5.80 -26.92
N ALA B 21 -13.65 -6.96 -27.52
CA ALA B 21 -12.28 -7.41 -27.70
C ALA B 21 -12.13 -8.04 -29.09
N VAL B 22 -10.94 -7.92 -29.65
CA VAL B 22 -10.58 -8.60 -30.90
C VAL B 22 -9.28 -9.35 -30.76
N GLU B 23 -9.27 -10.59 -31.22
CA GLU B 23 -8.06 -11.39 -31.25
C GLU B 23 -7.67 -11.58 -32.71
N LEU B 24 -6.41 -11.26 -33.05
CA LEU B 24 -5.91 -11.44 -34.41
C LEU B 24 -4.39 -11.60 -34.45
N THR B 25 -3.89 -12.14 -35.57
CA THR B 25 -2.46 -12.33 -35.78
C THR B 25 -1.68 -11.04 -35.89
N THR B 26 -0.41 -11.09 -35.50
CA THR B 26 0.51 -9.96 -35.62
C THR B 26 0.51 -9.34 -37.01
N ASP B 27 0.52 -10.19 -38.03
CA ASP B 27 0.56 -9.72 -39.40
C ASP B 27 -0.68 -8.91 -39.75
N GLN B 28 -1.84 -9.45 -39.40
CA GLN B 28 -3.10 -8.75 -39.61
C GLN B 28 -3.07 -7.39 -38.89
N ALA B 29 -2.53 -7.39 -37.68
CA ALA B 29 -2.41 -6.18 -36.87
C ALA B 29 -1.55 -5.13 -37.56
N TRP B 30 -0.37 -5.53 -38.01
CA TRP B 30 0.54 -4.62 -38.69
C TRP B 30 -0.09 -4.04 -39.94
N CYS B 31 -0.62 -4.92 -40.79
CA CYS B 31 -1.32 -4.49 -41.99
C CYS B 31 -2.40 -3.46 -41.66
N LEU B 32 -3.18 -3.75 -40.63
CA LEU B 32 -4.24 -2.85 -40.19
C LEU B 32 -3.72 -1.49 -39.75
N ALA B 33 -2.60 -1.48 -39.01
CA ALA B 33 -2.00 -0.24 -38.53
C ALA B 33 -1.47 0.59 -39.70
N ASP B 34 -0.88 -0.09 -40.67
CA ASP B 34 -0.32 0.58 -41.82
C ASP B 34 -1.44 1.21 -42.65
N VAL B 35 -2.48 0.42 -42.89
CA VAL B 35 -3.60 0.85 -43.72
C VAL B 35 -4.36 2.00 -43.07
N LEU B 36 -4.53 1.90 -41.75
CA LEU B 36 -5.17 2.97 -41.00
C LEU B 36 -4.30 4.21 -40.94
N GLY B 37 -2.99 4.04 -41.08
CA GLY B 37 -2.06 5.13 -40.90
C GLY B 37 -2.02 5.55 -39.44
N ALA B 38 -2.24 4.60 -38.55
CA ALA B 38 -2.28 4.90 -37.13
C ALA B 38 -0.87 5.14 -36.59
N GLY B 39 0.11 4.42 -37.13
CA GLY B 39 1.48 4.64 -36.74
C GLY B 39 2.26 3.36 -36.59
N SER B 40 3.48 3.49 -36.08
CA SER B 40 4.28 2.34 -35.70
C SER B 40 3.74 1.80 -34.37
N TYR B 41 3.83 0.49 -34.14
CA TYR B 41 3.50 -0.09 -32.83
C TYR B 41 4.53 0.27 -31.76
N PRO B 42 4.12 0.23 -30.48
CA PRO B 42 5.04 0.54 -29.38
C PRO B 42 6.14 -0.50 -29.29
N TRP B 43 7.35 -0.09 -28.92
CA TRP B 43 8.48 -1.00 -29.01
C TRP B 43 8.27 -2.34 -28.27
N VAL B 44 7.72 -2.27 -27.06
CA VAL B 44 7.50 -3.45 -26.25
C VAL B 44 6.65 -4.52 -26.94
N LEU B 45 5.67 -4.11 -27.76
CA LEU B 45 4.84 -5.12 -28.41
C LEU B 45 5.63 -5.85 -29.48
N ALA B 46 6.69 -5.22 -29.97
CA ALA B 46 7.57 -5.85 -30.93
C ALA B 46 6.84 -6.43 -32.16
N ILE B 47 5.91 -5.66 -32.72
CA ILE B 47 5.28 -6.02 -33.98
C ILE B 47 6.08 -5.42 -35.15
N THR B 48 6.61 -6.30 -35.98
CA THR B 48 7.49 -5.89 -37.06
C THR B 48 6.90 -6.20 -38.41
N PRO B 49 7.24 -5.38 -39.43
CA PRO B 49 6.81 -5.57 -40.82
C PRO B 49 7.23 -6.93 -41.35
N PRO B 50 6.32 -7.63 -42.03
CA PRO B 50 6.62 -8.96 -42.60
C PRO B 50 7.66 -8.94 -43.74
N TYR B 51 7.60 -7.95 -44.65
CA TYR B 51 8.49 -7.94 -45.82
C TYR B 51 9.16 -6.61 -46.17
N SER B 52 10.35 -6.73 -46.76
CA SER B 52 11.12 -5.59 -47.27
C SER B 52 10.68 -5.07 -48.63
N ASP B 53 10.39 -5.99 -49.54
CA ASP B 53 10.11 -5.62 -50.92
C ASP B 53 8.75 -4.95 -51.08
N HIS B 54 8.62 -4.10 -52.11
CA HIS B 54 7.38 -3.35 -52.34
C HIS B 54 6.28 -4.25 -52.92
N SER B 55 6.68 -5.14 -53.84
CA SER B 55 5.74 -6.07 -54.47
C SER B 55 5.25 -7.11 -53.47
N GLN B 56 6.18 -7.66 -52.69
CA GLN B 56 5.85 -8.55 -51.57
C GLN B 56 4.93 -7.84 -50.58
N ARG B 57 5.21 -6.55 -50.33
CA ARG B 57 4.37 -5.74 -49.43
C ARG B 57 2.94 -5.66 -49.95
N SER B 58 2.78 -5.24 -51.20
CA SER B 58 1.46 -5.12 -51.80
C SER B 58 0.69 -6.46 -51.87
N ALA B 59 1.36 -7.54 -52.26
CA ALA B 59 0.74 -8.87 -52.31
C ALA B 59 0.29 -9.34 -50.93
N PHE B 60 1.19 -9.20 -49.96
CA PHE B 60 0.91 -9.51 -48.56
C PHE B 60 -0.34 -8.76 -48.10
N LEU B 61 -0.34 -7.44 -48.35
CA LEU B 61 -1.45 -6.56 -47.98
C LEU B 61 -2.77 -7.06 -48.61
N ALA B 62 -2.72 -7.49 -49.87
CA ALA B 62 -3.91 -8.03 -50.54
C ALA B 62 -4.45 -9.29 -49.86
N ALA B 63 -3.56 -10.26 -49.61
CA ALA B 63 -3.96 -11.49 -48.94
C ALA B 63 -4.61 -11.18 -47.58
N GLN B 64 -3.91 -10.37 -46.78
CA GLN B 64 -4.38 -9.99 -45.43
C GLN B 64 -5.73 -9.30 -45.47
N SER B 65 -5.89 -8.39 -46.43
CA SER B 65 -7.15 -7.65 -46.57
C SER B 65 -8.27 -8.60 -46.91
N ALA B 66 -7.96 -9.62 -47.73
CA ALA B 66 -8.96 -10.66 -48.01
C ALA B 66 -9.37 -11.40 -46.73
N GLU B 67 -8.38 -11.94 -46.02
CA GLU B 67 -8.66 -12.71 -44.81
C GLU B 67 -9.43 -11.91 -43.73
N LEU B 68 -9.06 -10.65 -43.56
CA LEU B 68 -9.73 -9.77 -42.60
C LEU B 68 -11.13 -9.40 -43.08
N THR B 69 -11.28 -9.23 -44.39
CA THR B 69 -12.59 -8.93 -44.96
C THR B 69 -13.53 -10.08 -44.63
N ARG B 70 -12.99 -11.29 -44.72
CA ARG B 70 -13.73 -12.48 -44.31
C ARG B 70 -14.10 -12.44 -42.82
N MSE B 71 -13.10 -12.25 -41.97
CA MSE B 71 -13.33 -12.38 -40.53
C MSE B 71 -14.41 -11.42 -40.00
O MSE B 71 -14.91 -11.61 -38.88
CB MSE B 71 -12.02 -12.16 -39.76
CG MSE B 71 -10.99 -13.28 -39.90
SE MSE B 71 -9.35 -12.97 -38.85
CE MSE B 71 -8.48 -14.71 -39.12
N GLY B 72 -14.78 -10.42 -40.79
CA GLY B 72 -15.78 -9.45 -40.37
C GLY B 72 -15.15 -8.21 -39.74
N VAL B 73 -13.82 -8.18 -39.75
CA VAL B 73 -13.06 -7.04 -39.23
C VAL B 73 -13.09 -5.89 -40.23
N VAL B 74 -13.06 -6.23 -41.51
CA VAL B 74 -13.07 -5.23 -42.57
C VAL B 74 -14.26 -5.45 -43.52
N ASN B 75 -14.99 -4.37 -43.80
CA ASN B 75 -16.15 -4.41 -44.69
C ASN B 75 -15.75 -4.56 -46.16
N SER B 76 -16.72 -4.97 -46.99
CA SER B 76 -16.49 -5.26 -48.40
C SER B 76 -15.76 -4.14 -49.16
N ALA B 77 -16.02 -2.89 -48.78
CA ALA B 77 -15.36 -1.74 -49.41
C ALA B 77 -13.88 -1.62 -48.99
N GLY B 78 -13.52 -2.22 -47.87
CA GLY B 78 -12.17 -2.15 -47.36
C GLY B 78 -11.94 -1.22 -46.17
N ALA B 79 -13.01 -0.69 -45.59
CA ALA B 79 -12.88 0.23 -44.46
C ALA B 79 -12.95 -0.54 -43.15
N VAL B 80 -11.92 -0.36 -42.33
CA VAL B 80 -11.76 -1.15 -41.12
C VAL B 80 -12.88 -0.86 -40.12
N ASP B 81 -13.29 -1.90 -39.38
CA ASP B 81 -14.26 -1.76 -38.32
C ASP B 81 -13.78 -0.67 -37.37
N PRO B 82 -14.62 0.38 -37.19
CA PRO B 82 -14.28 1.60 -36.44
C PRO B 82 -13.86 1.35 -34.99
N ARG B 83 -14.45 0.34 -34.33
CA ARG B 83 -14.04 -0.03 -32.98
C ARG B 83 -12.58 -0.48 -32.97
N VAL B 84 -12.29 -1.43 -33.85
CA VAL B 84 -10.95 -1.94 -34.04
C VAL B 84 -10.01 -0.79 -34.35
N ALA B 85 -10.44 0.09 -35.26
CA ALA B 85 -9.62 1.22 -35.69
C ALA B 85 -9.23 2.09 -34.51
N GLN B 86 -10.22 2.36 -33.66
CA GLN B 86 -9.99 3.19 -32.48
C GLN B 86 -9.06 2.50 -31.51
N TRP B 87 -9.21 1.19 -31.35
CA TRP B 87 -8.32 0.43 -30.47
C TRP B 87 -6.85 0.47 -30.95
N ILE B 88 -6.63 0.18 -32.23
CA ILE B 88 -5.27 0.18 -32.76
C ILE B 88 -4.67 1.58 -32.61
N THR B 89 -5.47 2.59 -32.93
CA THR B 89 -5.03 3.98 -32.82
C THR B 89 -4.68 4.33 -31.37
N THR B 90 -5.46 3.83 -30.43
CA THR B 90 -5.19 4.03 -29.01
C THR B 90 -3.87 3.37 -28.62
N VAL B 91 -3.60 2.17 -29.11
CA VAL B 91 -2.30 1.55 -28.82
C VAL B 91 -1.12 2.32 -29.43
N CYS B 92 -1.21 2.66 -30.72
CA CYS B 92 -0.08 3.26 -31.45
C CYS B 92 0.15 4.75 -31.14
N ARG B 93 -0.92 5.49 -30.89
CA ARG B 93 -0.87 6.92 -30.56
C ARG B 93 -0.95 7.23 -29.03
N ALA B 94 -0.87 6.20 -28.19
CA ALA B 94 -1.12 6.37 -26.74
C ALA B 94 -0.36 7.52 -26.07
N THR B 95 -1.08 8.34 -25.32
CA THR B 95 -0.49 9.40 -24.54
C THR B 95 0.07 8.96 -23.18
N GLN B 96 -0.52 7.94 -22.56
CA GLN B 96 0.13 7.31 -21.40
C GLN B 96 -0.03 5.80 -21.44
N TRP B 97 0.90 5.08 -20.84
CA TRP B 97 0.90 3.64 -20.98
C TRP B 97 1.67 2.91 -19.86
N LEU B 98 1.39 1.61 -19.78
CA LEU B 98 2.23 0.68 -19.05
C LEU B 98 2.81 -0.35 -20.02
N ASP B 99 4.11 -0.58 -19.92
CA ASP B 99 4.83 -1.61 -20.68
C ASP B 99 4.97 -2.85 -19.84
N LEU B 100 4.61 -4.00 -20.41
CA LEU B 100 4.63 -5.25 -19.68
C LEU B 100 5.55 -6.27 -20.34
N ARG B 101 6.57 -6.69 -19.60
CA ARG B 101 7.39 -7.79 -20.07
C ARG B 101 7.17 -9.04 -19.20
N PHE B 102 6.48 -10.04 -19.76
CA PHE B 102 6.20 -11.30 -19.08
C PHE B 102 7.17 -12.43 -19.44
N VAL B 103 7.86 -12.94 -18.44
CA VAL B 103 8.63 -14.17 -18.56
C VAL B 103 7.81 -15.32 -17.94
N SER B 104 7.28 -16.19 -18.79
CA SER B 104 6.44 -17.30 -18.33
C SER B 104 7.22 -18.61 -18.20
N GLY B 105 8.49 -18.57 -18.56
CA GLY B 105 9.38 -19.70 -18.45
C GLY B 105 10.64 -19.44 -19.26
N PRO B 106 11.37 -20.51 -19.63
CA PRO B 106 12.53 -20.37 -20.51
C PRO B 106 12.22 -20.08 -21.99
N GLY B 107 11.18 -20.69 -22.51
CA GLY B 107 10.84 -20.58 -23.93
C GLY B 107 9.73 -19.69 -24.48
N ASP B 108 8.89 -19.15 -23.61
CA ASP B 108 7.80 -18.31 -24.11
C ASP B 108 7.68 -17.05 -23.29
N LEU B 109 7.58 -15.91 -23.96
CA LEU B 109 7.52 -14.66 -23.23
C LEU B 109 6.38 -13.89 -23.87
N LEU B 110 5.59 -13.24 -23.02
CA LEU B 110 4.40 -12.51 -23.44
C LEU B 110 4.64 -11.04 -23.29
N ARG B 111 4.35 -10.25 -24.32
CA ARG B 111 4.63 -8.84 -24.16
C ARG B 111 3.31 -8.08 -24.21
N GLY B 112 3.04 -7.33 -23.15
CA GLY B 112 1.79 -6.58 -23.10
C GLY B 112 1.96 -5.09 -23.10
N MSE B 113 0.82 -4.42 -23.24
CA MSE B 113 0.72 -2.99 -23.08
C MSE B 113 -0.65 -2.55 -22.56
O MSE B 113 -1.69 -3.09 -22.97
CB MSE B 113 0.98 -2.30 -24.40
CG MSE B 113 1.69 -1.00 -24.19
SE MSE B 113 1.19 0.33 -25.49
CE MSE B 113 2.67 1.57 -25.14
N VAL B 114 -0.65 -1.55 -21.69
CA VAL B 114 -1.90 -0.89 -21.35
C VAL B 114 -1.79 0.52 -21.89
N ALA B 115 -2.58 0.83 -22.93
CA ALA B 115 -2.51 2.14 -23.60
C ALA B 115 -3.70 3.00 -23.22
N ARG B 116 -3.45 4.30 -23.09
CA ARG B 116 -4.48 5.27 -22.79
C ARG B 116 -4.26 6.49 -23.68
N ARG B 117 -5.32 6.80 -24.42
CA ARG B 117 -5.40 7.98 -25.28
C ARG B 117 -6.79 8.51 -25.04
N SER B 118 -6.93 9.81 -24.83
CA SER B 118 -7.78 10.27 -23.74
C SER B 118 -9.14 9.59 -23.69
N GLU B 119 -9.42 9.09 -22.50
CA GLU B 119 -10.65 8.40 -22.08
C GLU B 119 -10.77 6.97 -22.60
N GLU B 120 -9.95 6.61 -23.58
CA GLU B 120 -9.94 5.23 -24.04
C GLU B 120 -8.72 4.47 -23.49
N THR B 121 -8.99 3.29 -22.95
CA THR B 121 -7.94 2.45 -22.42
C THR B 121 -7.98 1.05 -23.06
N VAL B 122 -6.93 0.72 -23.80
CA VAL B 122 -6.85 -0.55 -24.53
C VAL B 122 -5.72 -1.42 -24.00
N VAL B 123 -6.02 -2.67 -23.68
CA VAL B 123 -4.99 -3.62 -23.33
C VAL B 123 -4.63 -4.42 -24.56
N ALA B 124 -3.34 -4.45 -24.87
CA ALA B 124 -2.88 -5.29 -25.96
C ALA B 124 -1.93 -6.34 -25.41
N LEU B 125 -2.23 -7.61 -25.64
CA LEU B 125 -1.28 -8.66 -25.28
C LEU B 125 -0.87 -9.46 -26.48
N ARG B 126 0.42 -9.77 -26.62
CA ARG B 126 0.78 -10.69 -27.67
C ARG B 126 1.84 -11.70 -27.28
N ASN B 127 1.61 -12.95 -27.69
CA ASN B 127 2.59 -14.03 -27.60
C ASN B 127 2.72 -14.71 -28.97
N ALA B 128 3.95 -14.77 -29.46
CA ALA B 128 4.26 -15.41 -30.74
C ALA B 128 3.40 -14.81 -31.84
N GLN B 129 2.57 -15.63 -32.46
CA GLN B 129 1.73 -15.17 -33.56
C GLN B 129 0.46 -14.44 -33.18
N LEU B 130 0.02 -14.48 -31.93
CA LEU B 130 -1.27 -13.88 -31.65
C LEU B 130 -1.20 -12.61 -30.79
N VAL B 131 -2.15 -11.72 -31.08
CA VAL B 131 -2.34 -10.47 -30.39
C VAL B 131 -3.81 -10.29 -30.03
N THR B 132 -4.08 -9.80 -28.83
CA THR B 132 -5.43 -9.46 -28.44
C THR B 132 -5.50 -7.99 -28.05
N PHE B 133 -6.42 -7.28 -28.65
CA PHE B 133 -6.75 -5.91 -28.27
C PHE B 133 -8.08 -5.92 -27.55
N THR B 134 -8.12 -5.32 -26.37
CA THR B 134 -9.31 -5.37 -25.54
C THR B 134 -9.62 -3.99 -24.97
N ALA B 135 -10.87 -3.55 -25.12
CA ALA B 135 -11.32 -2.27 -24.56
C ALA B 135 -11.63 -2.41 -23.08
N MSE B 136 -11.06 -1.53 -22.26
CA MSE B 136 -11.23 -1.64 -20.82
C MSE B 136 -12.17 -0.64 -20.21
O MSE B 136 -12.64 0.29 -20.87
CB MSE B 136 -9.87 -1.49 -20.14
CG MSE B 136 -8.90 -2.61 -20.42
SE MSE B 136 -9.27 -4.17 -19.32
CE MSE B 136 -8.76 -3.39 -17.60
N ASP B 137 -12.39 -0.82 -18.92
CA ASP B 137 -12.87 0.25 -18.04
C ASP B 137 -11.96 0.18 -16.81
N ILE B 138 -11.14 1.22 -16.61
CA ILE B 138 -10.21 1.23 -15.49
C ILE B 138 -10.88 1.76 -14.24
N GLY B 139 -12.11 2.25 -14.40
CA GLY B 139 -12.91 2.73 -13.29
C GLY B 139 -13.10 1.67 -12.23
N HIS B 140 -13.19 0.41 -12.66
CA HIS B 140 -13.30 -0.70 -11.74
C HIS B 140 -12.04 -0.83 -10.91
N GLN B 141 -12.21 -0.95 -9.59
CA GLN B 141 -11.07 -1.06 -8.68
C GLN B 141 -10.38 -2.40 -8.95
N HIS B 142 -9.06 -2.35 -9.07
CA HIS B 142 -8.23 -3.51 -9.44
C HIS B 142 -8.54 -4.05 -10.84
N ALA B 143 -9.09 -3.21 -11.71
CA ALA B 143 -9.46 -3.67 -13.04
C ALA B 143 -8.23 -4.14 -13.82
N LEU B 144 -7.08 -3.52 -13.54
CA LEU B 144 -5.83 -3.85 -14.22
C LEU B 144 -5.05 -5.04 -13.67
N VAL B 145 -5.37 -5.47 -12.45
CA VAL B 145 -4.53 -6.48 -11.83
C VAL B 145 -4.49 -7.82 -12.56
N PRO B 146 -5.65 -8.35 -13.00
CA PRO B 146 -5.59 -9.64 -13.70
C PRO B 146 -4.75 -9.55 -14.99
N VAL B 147 -4.77 -8.40 -15.64
CA VAL B 147 -3.89 -8.16 -16.78
C VAL B 147 -2.42 -8.21 -16.36
N LEU B 148 -2.09 -7.50 -15.29
CA LEU B 148 -0.71 -7.42 -14.82
C LEU B 148 -0.14 -8.78 -14.46
N THR B 149 -1.02 -9.66 -14.01
CA THR B 149 -0.66 -11.02 -13.65
C THR B 149 -0.96 -12.09 -14.72
N ALA B 150 -1.51 -11.65 -15.86
CA ALA B 150 -2.04 -12.56 -16.89
C ALA B 150 -1.08 -13.67 -17.33
N GLY B 151 0.21 -13.36 -17.40
CA GLY B 151 1.20 -14.32 -17.85
C GLY B 151 1.93 -15.03 -16.73
N LEU B 152 1.40 -14.97 -15.51
CA LEU B 152 2.09 -15.60 -14.40
C LEU B 152 1.48 -16.95 -14.00
N SER B 153 2.03 -17.53 -12.94
CA SER B 153 1.65 -18.87 -12.49
C SER B 153 0.38 -18.85 -11.65
N GLY B 154 -0.20 -17.68 -11.44
CA GLY B 154 -1.43 -17.59 -10.70
C GLY B 154 -1.30 -17.97 -9.22
N ARG B 155 -0.07 -17.94 -8.72
CA ARG B 155 0.21 -18.35 -7.34
C ARG B 155 -0.32 -17.27 -6.34
N LYS B 156 -0.78 -17.71 -5.17
CA LYS B 156 -1.33 -16.79 -4.17
C LYS B 156 -0.23 -16.00 -3.41
N PRO B 157 -0.60 -14.86 -2.80
CA PRO B 157 0.48 -14.03 -2.22
C PRO B 157 1.19 -14.68 -1.04
N ALA B 158 2.52 -14.61 -1.08
CA ALA B 158 3.37 -15.20 -0.05
C ALA B 158 3.21 -14.50 1.28
N ARG B 159 3.58 -15.17 2.36
CA ARG B 159 3.50 -14.56 3.66
C ARG B 159 4.87 -14.29 4.24
N PHE B 160 5.24 -13.03 4.29
CA PHE B 160 6.46 -12.59 4.96
C PHE B 160 6.37 -11.08 5.28
N ASP B 161 7.24 -10.63 6.18
CA ASP B 161 7.44 -9.21 6.38
C ASP B 161 8.33 -8.56 5.32
N ASP B 162 8.08 -7.29 5.03
CA ASP B 162 8.81 -6.60 3.96
C ASP B 162 10.30 -6.69 4.19
N PHE B 163 11.08 -6.83 3.13
CA PHE B 163 12.50 -6.66 3.28
C PHE B 163 13.08 -5.84 2.14
N ALA B 164 14.31 -5.39 2.29
CA ALA B 164 14.83 -4.47 1.29
C ALA B 164 16.28 -4.75 0.91
N LEU B 165 16.60 -4.50 -0.35
CA LEU B 165 17.93 -4.74 -0.88
C LEU B 165 18.31 -3.56 -1.71
N PRO B 166 19.61 -3.24 -1.75
CA PRO B 166 19.93 -2.14 -2.69
C PRO B 166 19.69 -2.67 -4.10
N ALA B 167 18.99 -1.91 -4.92
CA ALA B 167 18.46 -2.40 -6.18
C ALA B 167 19.57 -2.93 -7.08
N ALA B 168 20.62 -2.14 -7.26
CA ALA B 168 21.81 -2.58 -8.00
C ALA B 168 22.37 -3.93 -7.54
N ALA B 169 22.47 -4.13 -6.21
CA ALA B 169 22.95 -5.39 -5.67
C ALA B 169 22.08 -6.56 -6.07
N GLY B 170 20.76 -6.35 -6.00
CA GLY B 170 19.79 -7.36 -6.38
C GLY B 170 20.00 -7.73 -7.84
N ALA B 171 20.07 -6.70 -8.67
CA ALA B 171 20.33 -6.90 -10.10
C ALA B 171 21.60 -7.72 -10.35
N ARG B 172 22.67 -7.35 -9.66
CA ARG B 172 23.95 -8.05 -9.73
C ARG B 172 23.77 -9.52 -9.33
N ALA B 173 22.92 -9.75 -8.33
CA ALA B 173 22.62 -11.09 -7.87
C ALA B 173 21.92 -11.90 -8.95
N ASP B 174 20.90 -11.31 -9.59
CA ASP B 174 20.22 -11.97 -10.71
C ASP B 174 21.18 -12.31 -11.87
N GLU B 175 22.02 -11.35 -12.29
CA GLU B 175 23.05 -11.69 -13.27
C GLU B 175 23.90 -12.88 -12.81
N GLN B 176 24.32 -12.84 -11.54
CA GLN B 176 25.26 -13.85 -11.08
C GLN B 176 24.63 -15.22 -11.07
N ILE B 177 23.32 -15.25 -10.81
CA ILE B 177 22.58 -16.51 -10.74
C ILE B 177 22.22 -17.05 -12.14
N ARG B 178 21.94 -16.14 -13.08
CA ARG B 178 21.75 -16.51 -14.48
C ARG B 178 23.04 -17.03 -15.11
N ASN B 179 24.17 -16.62 -14.53
CA ASN B 179 25.49 -17.05 -14.96
C ASN B 179 25.84 -18.34 -14.26
N GLY B 180 24.89 -18.85 -13.48
CA GLY B 180 25.08 -20.14 -12.84
C GLY B 180 26.16 -20.10 -11.78
N ALA B 181 25.98 -19.23 -10.81
CA ALA B 181 26.93 -19.15 -9.71
C ALA B 181 26.23 -19.66 -8.46
N PRO B 182 27.00 -20.23 -7.54
CA PRO B 182 26.37 -20.91 -6.38
C PRO B 182 25.49 -19.96 -5.57
N LEU B 183 24.29 -20.42 -5.20
CA LEU B 183 23.29 -19.60 -4.50
C LEU B 183 23.75 -19.03 -3.16
N ALA B 184 24.40 -19.87 -2.34
CA ALA B 184 24.77 -19.46 -0.99
C ALA B 184 25.75 -18.30 -1.02
N GLU B 185 26.66 -18.31 -2.00
CA GLU B 185 27.65 -17.26 -2.13
C GLU B 185 27.02 -15.96 -2.64
N VAL B 186 25.97 -16.08 -3.46
CA VAL B 186 25.26 -14.89 -3.90
C VAL B 186 24.46 -14.31 -2.72
N LEU B 187 23.94 -15.19 -1.88
CA LEU B 187 23.16 -14.77 -0.73
C LEU B 187 24.04 -14.12 0.32
N GLU B 188 25.29 -14.55 0.36
CA GLU B 188 26.29 -13.87 1.16
C GLU B 188 26.58 -12.51 0.54
N PHE B 189 26.81 -12.51 -0.78
CA PHE B 189 27.11 -11.30 -1.54
C PHE B 189 26.12 -10.22 -1.20
N LEU B 190 24.85 -10.62 -1.12
CA LEU B 190 23.74 -9.73 -0.82
C LEU B 190 23.70 -9.27 0.62
N GLY B 191 24.34 -10.03 1.51
CA GLY B 191 24.30 -9.73 2.93
C GLY B 191 23.07 -10.31 3.61
N VAL B 192 22.59 -11.44 3.09
CA VAL B 192 21.41 -12.06 3.67
C VAL B 192 21.77 -12.91 4.86
N PRO B 193 21.24 -12.59 6.04
CA PRO B 193 21.44 -13.39 7.25
C PRO B 193 20.91 -14.81 7.05
N PRO B 194 21.51 -15.80 7.73
CA PRO B 194 21.21 -17.22 7.47
C PRO B 194 19.74 -17.55 7.68
N SER B 195 19.12 -16.83 8.60
CA SER B 195 17.70 -16.95 8.84
C SER B 195 16.85 -16.52 7.63
N ALA B 196 17.29 -15.49 6.91
CA ALA B 196 16.50 -14.92 5.81
C ALA B 196 16.64 -15.69 4.48
N ARG B 197 17.65 -16.54 4.41
CA ARG B 197 18.04 -17.23 3.19
C ARG B 197 16.99 -18.11 2.49
N PRO B 198 16.20 -18.90 3.23
CA PRO B 198 15.20 -19.70 2.49
C PRO B 198 14.15 -18.83 1.80
N LEU B 199 13.76 -17.72 2.41
CA LEU B 199 12.79 -16.84 1.79
C LEU B 199 13.33 -16.15 0.54
N VAL B 200 14.49 -15.52 0.66
CA VAL B 200 15.14 -14.87 -0.48
C VAL B 200 15.42 -15.85 -1.63
N GLU B 201 15.86 -17.07 -1.29
CA GLU B 201 16.11 -18.14 -2.29
C GLU B 201 14.96 -18.31 -3.27
N SER B 202 13.73 -18.24 -2.77
CA SER B 202 12.57 -18.51 -3.60
C SER B 202 12.43 -17.50 -4.72
N VAL B 203 12.81 -16.25 -4.44
CA VAL B 203 12.76 -15.19 -5.45
C VAL B 203 13.65 -15.43 -6.66
N PHE B 204 14.80 -16.07 -6.45
CA PHE B 204 15.71 -16.40 -7.56
C PHE B 204 15.52 -17.83 -8.08
N ASP B 205 14.53 -18.52 -7.53
CA ASP B 205 14.28 -19.93 -7.87
C ASP B 205 14.05 -20.16 -9.36
N GLY B 206 14.53 -21.31 -9.82
CA GLY B 206 14.49 -21.67 -11.23
C GLY B 206 13.13 -21.68 -11.89
N ARG B 207 12.11 -22.23 -11.22
CA ARG B 207 10.78 -22.11 -11.80
C ARG B 207 10.11 -20.97 -11.10
N ARG B 208 10.02 -19.87 -11.83
CA ARG B 208 9.43 -18.65 -11.33
C ARG B 208 8.89 -17.95 -12.55
N THR B 209 7.75 -17.30 -12.44
CA THR B 209 7.32 -16.55 -13.60
C THR B 209 7.30 -15.10 -13.16
N TYR B 210 7.81 -14.18 -13.98
CA TYR B 210 7.73 -12.79 -13.56
C TYR B 210 7.27 -11.80 -14.62
N VAL B 211 6.84 -10.63 -14.17
CA VAL B 211 6.54 -9.56 -15.10
C VAL B 211 7.23 -8.28 -14.66
N GLU B 212 7.86 -7.62 -15.62
CA GLU B 212 8.45 -6.32 -15.44
C GLU B 212 7.45 -5.29 -15.95
N ILE B 213 7.16 -4.30 -15.11
CA ILE B 213 6.22 -3.23 -15.43
C ILE B 213 6.87 -1.86 -15.43
N VAL B 214 6.62 -1.09 -16.48
CA VAL B 214 7.13 0.27 -16.60
C VAL B 214 6.03 1.28 -16.96
N ALA B 215 6.07 2.48 -16.40
CA ALA B 215 5.06 3.47 -16.75
C ALA B 215 5.67 4.50 -17.66
N GLY B 216 4.86 5.02 -18.57
CA GLY B 216 5.35 5.99 -19.51
C GLY B 216 4.26 6.93 -19.96
N GLU B 217 4.65 8.11 -20.40
CA GLU B 217 3.73 9.06 -20.99
C GLU B 217 4.48 9.90 -21.98
N HIS B 218 3.81 10.65 -22.85
CA HIS B 218 4.60 11.64 -23.54
C HIS B 218 3.83 12.95 -23.62
N ARG B 219 4.53 14.03 -23.31
CA ARG B 219 3.97 15.36 -23.22
C ARG B 219 5.09 16.35 -23.56
N ASP B 220 4.74 17.46 -24.21
CA ASP B 220 5.66 18.58 -24.40
C ASP B 220 6.97 18.23 -25.11
N GLY B 221 6.86 17.33 -26.09
CA GLY B 221 7.99 16.92 -26.90
C GLY B 221 8.83 15.84 -26.26
N HIS B 222 8.45 15.44 -25.06
CA HIS B 222 9.19 14.40 -24.33
C HIS B 222 8.47 13.08 -24.20
N ARG B 223 9.18 11.99 -24.51
N ARG B 223 9.19 11.99 -24.44
CA ARG B 223 8.75 10.68 -24.05
CA ARG B 223 8.73 10.67 -24.06
C ARG B 223 9.35 10.53 -22.65
C ARG B 223 9.37 10.35 -22.69
N VAL B 224 8.53 10.21 -21.67
CA VAL B 224 9.02 10.01 -20.30
C VAL B 224 8.66 8.67 -19.71
N THR B 225 9.66 7.90 -19.27
CA THR B 225 9.32 6.67 -18.59
C THR B 225 10.03 6.55 -17.25
N THR B 226 9.45 5.69 -16.40
CA THR B 226 10.02 5.47 -15.09
C THR B 226 11.36 4.74 -15.27
N GLU B 227 12.42 5.37 -14.77
CA GLU B 227 13.78 4.86 -14.81
C GLU B 227 13.86 3.49 -14.16
N VAL B 228 13.12 3.29 -13.08
CA VAL B 228 12.98 1.99 -12.45
C VAL B 228 11.50 1.60 -12.41
N GLY B 229 11.20 0.33 -12.62
CA GLY B 229 9.83 -0.11 -12.70
C GLY B 229 9.38 -0.90 -11.48
N VAL B 230 8.37 -1.75 -11.67
CA VAL B 230 7.86 -2.63 -10.63
C VAL B 230 7.95 -4.03 -11.18
N SER B 231 8.20 -5.04 -10.34
CA SER B 231 8.06 -6.40 -10.87
C SER B 231 7.17 -7.29 -9.99
N ILE B 232 6.46 -8.21 -10.63
CA ILE B 232 5.70 -9.21 -9.89
C ILE B 232 6.25 -10.62 -10.16
N ILE B 233 6.45 -11.37 -9.08
CA ILE B 233 7.13 -12.66 -9.19
C ILE B 233 6.36 -13.78 -8.53
N ASP B 234 5.88 -14.74 -9.33
CA ASP B 234 5.34 -16.00 -8.78
C ASP B 234 6.47 -16.99 -8.53
N THR B 235 6.57 -17.43 -7.28
CA THR B 235 7.61 -18.35 -6.81
C THR B 235 6.96 -19.55 -6.13
N PRO B 236 7.71 -20.64 -5.91
CA PRO B 236 7.07 -21.76 -5.20
C PRO B 236 6.48 -21.34 -3.85
N HIS B 237 7.11 -20.39 -3.17
CA HIS B 237 6.58 -19.92 -1.88
C HIS B 237 5.43 -18.93 -2.03
N GLY B 238 5.31 -18.32 -3.20
CA GLY B 238 4.15 -17.48 -3.46
C GLY B 238 4.38 -16.28 -4.37
N ARG B 239 3.36 -15.44 -4.48
CA ARG B 239 3.41 -14.24 -5.32
C ARG B 239 4.02 -13.09 -4.51
N ILE B 240 4.99 -12.43 -5.13
CA ILE B 240 5.84 -11.45 -4.49
C ILE B 240 5.93 -10.16 -5.30
N LEU B 241 5.61 -9.04 -4.68
CA LEU B 241 5.78 -7.74 -5.33
C LEU B 241 7.10 -7.10 -4.97
N VAL B 242 7.81 -6.61 -5.98
CA VAL B 242 9.02 -5.80 -5.78
C VAL B 242 8.80 -4.38 -6.26
N HIS B 243 9.07 -3.39 -5.40
CA HIS B 243 8.93 -1.98 -5.86
C HIS B 243 10.09 -1.03 -5.41
N PRO B 244 10.39 -0.01 -6.21
CA PRO B 244 11.52 0.91 -6.01
C PRO B 244 11.31 2.07 -5.06
N THR B 245 12.38 2.50 -4.38
CA THR B 245 12.36 3.76 -3.63
C THR B 245 13.72 4.38 -3.75
N LYS B 246 13.82 5.67 -4.11
CA LYS B 246 15.17 6.26 -4.23
C LYS B 246 15.66 6.81 -2.89
N ALA B 247 16.84 6.38 -2.49
CA ALA B 247 17.43 6.88 -1.27
C ALA B 247 18.04 8.23 -1.59
N PHE B 248 18.52 8.92 -0.57
CA PHE B 248 19.02 10.29 -0.74
C PHE B 248 20.44 10.33 -1.30
N ASP B 249 21.20 9.25 -1.07
CA ASP B 249 22.57 9.13 -1.58
C ASP B 249 22.55 8.90 -3.08
N GLY B 250 21.37 8.68 -3.64
CA GLY B 250 21.22 8.49 -5.06
C GLY B 250 21.04 7.07 -5.53
N GLU B 251 21.11 6.12 -4.59
CA GLU B 251 20.94 4.69 -4.87
C GLU B 251 19.45 4.28 -4.79
N TRP B 252 19.01 3.37 -5.68
CA TRP B 252 17.65 2.82 -5.57
C TRP B 252 17.56 1.63 -4.62
N ILE B 253 16.46 1.56 -3.88
CA ILE B 253 16.14 0.45 -2.96
C ILE B 253 15.03 -0.43 -3.55
N SER B 254 15.17 -1.74 -3.47
CA SER B 254 14.09 -2.63 -3.83
C SER B 254 13.43 -3.14 -2.58
N THR B 255 12.11 -3.09 -2.56
CA THR B 255 11.40 -3.59 -1.40
C THR B 255 10.53 -4.73 -1.85
N PHE B 256 10.70 -5.82 -1.12
CA PHE B 256 10.03 -7.08 -1.39
C PHE B 256 8.92 -7.21 -0.38
N THR B 257 7.70 -7.36 -0.90
CA THR B 257 6.48 -7.46 -0.08
C THR B 257 5.53 -8.47 -0.69
N PRO B 258 4.66 -9.08 0.13
CA PRO B 258 3.69 -10.01 -0.43
C PRO B 258 2.81 -9.42 -1.52
N GLY B 259 2.53 -10.28 -2.50
CA GLY B 259 2.13 -9.95 -3.86
C GLY B 259 0.65 -9.73 -4.05
N SER B 260 -0.07 -9.24 -3.03
CA SER B 260 -1.52 -9.17 -3.12
C SER B 260 -2.04 -8.14 -4.14
N ALA B 261 -3.35 -8.09 -4.31
CA ALA B 261 -3.90 -7.24 -5.35
C ALA B 261 -3.92 -5.76 -4.93
N ASP B 262 -4.22 -5.51 -3.65
CA ASP B 262 -4.12 -4.14 -3.13
C ASP B 262 -2.68 -3.65 -3.37
N ALA B 263 -1.71 -4.49 -3.03
CA ALA B 263 -0.30 -4.11 -3.12
C ALA B 263 0.11 -3.72 -4.54
N ILE B 264 -0.27 -4.57 -5.48
CA ILE B 264 -0.01 -4.35 -6.88
C ILE B 264 -0.71 -3.07 -7.41
N ALA B 265 -2.00 -2.96 -7.14
CA ALA B 265 -2.74 -1.76 -7.52
C ALA B 265 -1.98 -0.52 -7.04
N MSE B 266 -1.63 -0.51 -5.76
N MSE B 266 -1.61 -0.49 -5.76
CA MSE B 266 -0.87 0.57 -5.13
CA MSE B 266 -0.89 0.66 -5.22
C MSE B 266 0.44 0.85 -5.87
C MSE B 266 0.48 0.88 -5.87
O MSE B 266 0.73 1.99 -6.22
O MSE B 266 0.86 2.01 -6.16
CB MSE B 266 -0.57 0.21 -3.67
CB MSE B 266 -0.73 0.54 -3.71
CG MSE B 266 -0.95 1.30 -2.65
CG MSE B 266 -1.44 1.65 -2.93
SE MSE B 266 -2.22 0.66 -1.30
SE MSE B 266 -0.72 3.43 -3.25
CE MSE B 266 -3.66 0.09 -2.49
CE MSE B 266 -2.17 4.52 -2.52
N ALA B 267 1.23 -0.19 -6.09
CA ALA B 267 2.57 -0.04 -6.63
C ALA B 267 2.52 0.58 -8.02
N VAL B 268 1.57 0.09 -8.84
CA VAL B 268 1.46 0.59 -10.20
C VAL B 268 0.90 2.02 -10.18
N GLU B 269 -0.02 2.29 -9.26
CA GLU B 269 -0.50 3.66 -9.14
C GLU B 269 0.65 4.63 -8.80
N ARG B 270 1.49 4.26 -7.83
CA ARG B 270 2.65 5.10 -7.45
C ARG B 270 3.58 5.29 -8.61
N LEU B 271 3.75 4.22 -9.37
CA LEU B 271 4.57 4.24 -10.58
C LEU B 271 4.10 5.29 -11.55
N THR B 272 2.84 5.22 -11.99
CA THR B 272 2.35 6.23 -12.94
C THR B 272 2.36 7.62 -12.29
N ALA B 273 2.16 7.66 -10.98
CA ALA B 273 2.10 8.92 -10.26
C ALA B 273 3.42 9.67 -10.25
N SER B 274 4.54 8.93 -10.32
CA SER B 274 5.84 9.60 -10.41
C SER B 274 6.05 10.37 -11.73
N LEU B 275 5.21 10.15 -12.72
CA LEU B 275 5.28 10.86 -13.99
C LEU B 275 4.49 12.19 -13.97
N PRO B 276 4.90 13.17 -14.79
CA PRO B 276 4.37 14.54 -14.88
C PRO B 276 2.85 14.70 -14.96
N SER B 277 2.16 13.82 -15.66
CA SER B 277 0.70 13.93 -15.75
C SER B 277 0.00 13.17 -14.62
N GLY B 278 0.78 12.40 -13.86
CA GLY B 278 0.28 11.71 -12.68
C GLY B 278 -0.48 10.43 -12.96
N SER B 279 -1.31 9.98 -12.01
CA SER B 279 -2.00 8.71 -12.18
C SER B 279 -3.12 8.85 -13.19
N TRP B 280 -3.74 7.72 -13.52
CA TRP B 280 -4.83 7.72 -14.47
C TRP B 280 -6.16 7.75 -13.72
N PHE B 281 -6.06 7.75 -12.39
CA PHE B 281 -7.21 7.71 -11.51
C PHE B 281 -8.01 6.43 -11.74
S SO4 C . -2.50 -15.56 27.62
O1 SO4 C . -3.72 -15.42 28.39
O2 SO4 C . -1.75 -14.32 27.66
O3 SO4 C . -1.68 -16.63 28.18
O4 SO4 C . -2.84 -15.93 26.24
S SO4 D . 14.55 -5.39 16.48
O1 SO4 D . 13.77 -5.34 17.71
O2 SO4 D . 15.22 -4.10 16.28
O3 SO4 D . 15.52 -6.48 16.49
O4 SO4 D . 13.65 -5.64 15.36
S SO4 E . -22.79 -4.53 20.49
O1 SO4 E . -22.44 -4.61 21.90
O2 SO4 E . -23.50 -3.28 20.23
O3 SO4 E . -21.57 -4.56 19.68
O4 SO4 E . -23.63 -5.65 20.12
#